data_3GWX
#
_entry.id   3GWX
#
_cell.length_a   39.379
_cell.length_b   95.543
_cell.length_c   96.181
_cell.angle_alpha   90.00
_cell.angle_beta   97.89
_cell.angle_gamma   90.00
#
_symmetry.space_group_name_H-M   'P 1 21 1'
#
loop_
_entity.id
_entity.type
_entity.pdbx_description
1 polymer 'PROTEIN (PEROXISOME PROLIFERATOR ACTIVATED RECEPTOR (PPAR-DELTA))'
2 non-polymer '5,8,11,14,17-EICOSAPENTAENOIC ACID'
3 water water
#
_entity_poly.entity_id   1
_entity_poly.type   'polypeptide(L)'
_entity_poly.pdbx_seq_one_letter_code
;QVADLKAFSKHIYNAYLKNFNMTKKKARSILTGKASHTAPFVIHDIETLWQAEKGLVWKQLVNGLPPYKEISVHVFYRCQ
CTTVETVRELTEFAKSIPSFSSLFLNDQVTLLKYGVHEAIFAMLASIVNKDGLLVANGSGFVTREFLRSLRKPFSDIIEP
KFEFAVKFNALELDDSDLALFIAAIILCGDRPGLMNVPRVEAIQDTILRALEFHLQANHPDAQYLFPKLLQKMADLRQLV
TEHAQMMQRIKKTETETSLHPLLQEIYKDMY
;
_entity_poly.pdbx_strand_id   A,B
#
loop_
_chem_comp.id
_chem_comp.type
_chem_comp.name
_chem_comp.formula
EPA non-polymer '5,8,11,14,17-EICOSAPENTAENOIC ACID' 'C20 H30 O2'
#
# COMPACT_ATOMS: atom_id res chain seq x y z
N GLN A 1 -7.19 47.94 -16.50
CA GLN A 1 -5.73 47.64 -16.43
C GLN A 1 -5.43 46.25 -16.96
N VAL A 2 -4.95 46.18 -18.20
CA VAL A 2 -4.60 44.91 -18.84
C VAL A 2 -3.58 44.19 -17.98
N ALA A 3 -2.71 44.97 -17.36
CA ALA A 3 -1.67 44.42 -16.48
C ALA A 3 -2.28 44.32 -15.09
N ASP A 4 -1.54 43.74 -14.15
CA ASP A 4 -2.03 43.61 -12.79
C ASP A 4 -3.34 42.82 -12.85
N LEU A 5 -3.51 42.09 -13.95
CA LEU A 5 -4.69 41.28 -14.17
C LEU A 5 -4.23 39.83 -14.02
N LYS A 6 -2.96 39.61 -14.30
CA LYS A 6 -2.33 38.30 -14.20
C LYS A 6 -2.13 37.98 -12.71
N ALA A 7 -2.25 39.02 -11.89
CA ALA A 7 -2.12 38.89 -10.44
C ALA A 7 -3.42 38.31 -9.91
N PHE A 8 -4.53 38.94 -10.28
CA PHE A 8 -5.86 38.49 -9.88
C PHE A 8 -6.07 37.05 -10.33
N SER A 9 -5.31 36.68 -11.36
CA SER A 9 -5.40 35.34 -11.91
C SER A 9 -4.62 34.37 -11.03
N LYS A 10 -3.47 34.81 -10.54
CA LYS A 10 -2.64 33.98 -9.68
C LYS A 10 -3.32 33.75 -8.33
N HIS A 11 -4.12 34.71 -7.89
CA HIS A 11 -4.82 34.57 -6.63
C HIS A 11 -5.85 33.47 -6.79
N ILE A 12 -6.52 33.48 -7.94
CA ILE A 12 -7.52 32.46 -8.22
C ILE A 12 -6.82 31.09 -8.30
N TYR A 13 -5.60 31.08 -8.82
CA TYR A 13 -4.81 29.84 -8.93
C TYR A 13 -4.37 29.31 -7.58
N ASN A 14 -4.20 30.21 -6.63
CA ASN A 14 -3.80 29.85 -5.27
C ASN A 14 -5.05 29.31 -4.59
N ALA A 15 -6.20 29.88 -4.92
CA ALA A 15 -7.47 29.43 -4.34
C ALA A 15 -7.82 28.04 -4.82
N TYR A 16 -7.32 27.68 -6.01
CA TYR A 16 -7.58 26.36 -6.58
C TYR A 16 -6.65 25.31 -6.01
N LEU A 17 -5.40 25.68 -5.77
CA LEU A 17 -4.40 24.76 -5.21
C LEU A 17 -4.62 24.47 -3.71
N LYS A 18 -5.18 25.43 -3.01
CA LYS A 18 -5.42 25.28 -1.59
C LYS A 18 -6.74 24.56 -1.25
N ASN A 19 -7.63 24.46 -2.24
CA ASN A 19 -8.94 23.91 -1.98
C ASN A 19 -9.40 22.62 -2.59
N PHE A 20 -8.74 22.19 -3.67
CA PHE A 20 -9.09 20.93 -4.33
C PHE A 20 -8.10 19.81 -3.94
N ASN A 21 -8.61 18.68 -3.45
CA ASN A 21 -7.73 17.58 -3.05
C ASN A 21 -7.08 16.84 -4.21
N MET A 22 -7.49 17.14 -5.43
CA MET A 22 -6.93 16.46 -6.59
C MET A 22 -6.83 17.45 -7.75
N THR A 23 -5.64 17.57 -8.33
CA THR A 23 -5.41 18.47 -9.46
C THR A 23 -5.13 17.62 -10.68
N LYS A 24 -5.16 18.24 -11.86
CA LYS A 24 -4.90 17.48 -13.06
C LYS A 24 -3.47 16.98 -13.05
N LYS A 25 -2.54 17.83 -12.59
CA LYS A 25 -1.14 17.45 -12.53
C LYS A 25 -0.93 16.14 -11.76
N LYS A 26 -1.42 16.10 -10.53
CA LYS A 26 -1.30 14.91 -9.68
C LYS A 26 -2.00 13.72 -10.32
N ALA A 27 -3.06 14.01 -11.07
CA ALA A 27 -3.86 12.99 -11.75
C ALA A 27 -3.18 12.45 -13.00
N ARG A 28 -2.68 13.33 -13.85
CA ARG A 28 -2.01 12.93 -15.07
C ARG A 28 -0.74 12.15 -14.74
N SER A 29 -0.20 12.39 -13.56
CA SER A 29 1.02 11.72 -13.12
C SER A 29 0.75 10.28 -12.68
N ILE A 30 -0.48 10.02 -12.24
CA ILE A 30 -0.85 8.69 -11.80
C ILE A 30 -1.10 7.80 -13.00
N LEU A 31 -1.66 8.36 -14.05
CA LEU A 31 -1.92 7.60 -15.26
C LEU A 31 -0.67 7.66 -16.15
N THR A 32 0.50 7.58 -15.51
CA THR A 32 1.78 7.63 -16.23
C THR A 32 2.21 6.24 -16.72
N GLY A 33 3.29 6.19 -17.48
CA GLY A 33 3.78 4.93 -18.01
C GLY A 33 4.30 3.97 -16.96
N LYS A 34 5.56 4.16 -16.55
CA LYS A 34 6.17 3.31 -15.55
C LYS A 34 7.26 4.05 -14.77
N ALA A 35 7.98 4.95 -15.45
CA ALA A 35 9.04 5.74 -14.82
C ALA A 35 8.55 6.37 -13.53
N SER A 36 8.92 5.77 -12.39
CA SER A 36 8.50 6.27 -11.08
C SER A 36 6.97 6.15 -10.98
N HIS A 37 6.45 5.05 -11.52
CA HIS A 37 5.03 4.75 -11.56
C HIS A 37 4.35 4.82 -10.18
N THR A 38 3.08 4.43 -10.14
CA THR A 38 2.28 4.41 -8.92
C THR A 38 1.29 3.24 -9.04
N ALA A 39 0.67 3.15 -10.22
CA ALA A 39 -0.31 2.10 -10.53
C ALA A 39 -1.39 1.96 -9.47
N PRO A 40 -2.56 2.59 -9.71
CA PRO A 40 -3.70 2.55 -8.78
C PRO A 40 -4.46 1.21 -8.86
N PHE A 41 -5.10 0.84 -7.77
CA PHE A 41 -5.83 -0.41 -7.72
C PHE A 41 -7.03 -0.32 -8.69
N VAL A 42 -7.10 -1.28 -9.63
CA VAL A 42 -8.16 -1.30 -10.63
C VAL A 42 -9.47 -1.96 -10.19
N ILE A 43 -10.60 -1.34 -10.56
CA ILE A 43 -11.93 -1.89 -10.25
C ILE A 43 -12.62 -2.09 -11.60
N HIS A 44 -12.83 -3.32 -12.00
CA HIS A 44 -13.45 -3.60 -13.31
C HIS A 44 -14.61 -4.59 -13.27
N ASP A 45 -14.93 -5.09 -12.08
CA ASP A 45 -16.02 -6.04 -11.90
C ASP A 45 -16.57 -5.92 -10.48
N ILE A 46 -17.50 -6.81 -10.17
CA ILE A 46 -18.10 -6.85 -8.86
C ILE A 46 -17.06 -7.33 -7.85
N GLU A 47 -16.23 -8.27 -8.24
CA GLU A 47 -15.21 -8.79 -7.33
C GLU A 47 -14.26 -7.67 -6.91
N THR A 48 -13.54 -7.11 -7.88
CA THR A 48 -12.59 -6.01 -7.61
C THR A 48 -13.26 -4.82 -6.89
N LEU A 49 -14.56 -4.65 -7.10
CA LEU A 49 -15.29 -3.57 -6.44
C LEU A 49 -15.37 -3.96 -4.97
N TRP A 50 -15.61 -5.23 -4.72
CA TRP A 50 -15.71 -5.71 -3.35
C TRP A 50 -14.31 -5.63 -2.73
N GLN A 51 -13.29 -5.94 -3.51
CA GLN A 51 -11.94 -5.89 -3.00
C GLN A 51 -11.57 -4.44 -2.72
N ALA A 52 -12.11 -3.54 -3.54
CA ALA A 52 -11.83 -2.11 -3.38
C ALA A 52 -12.45 -1.68 -2.05
N GLU A 53 -13.76 -1.84 -1.94
CA GLU A 53 -14.47 -1.47 -0.73
C GLU A 53 -13.73 -1.90 0.53
N LYS A 54 -13.10 -3.08 0.49
CA LYS A 54 -12.39 -3.56 1.65
C LYS A 54 -10.94 -3.08 1.71
N GLY A 55 -10.29 -2.99 0.56
CA GLY A 55 -8.92 -2.53 0.52
C GLY A 55 -8.80 -1.02 0.36
N LEU A 56 -8.94 -0.55 -0.88
CA LEU A 56 -8.87 0.87 -1.21
C LEU A 56 -9.79 1.65 -0.30
N VAL A 57 -10.89 0.99 0.06
CA VAL A 57 -11.94 1.53 0.93
C VAL A 57 -12.35 2.98 0.66
N TRP A 58 -13.35 3.43 1.41
CA TRP A 58 -13.88 4.78 1.29
C TRP A 58 -14.34 5.23 2.68
N LYS A 59 -15.39 4.55 3.19
CA LYS A 59 -15.92 4.83 4.52
C LYS A 59 -17.30 4.19 4.77
N GLN A 60 -18.29 5.05 5.02
CA GLN A 60 -19.66 4.63 5.30
C GLN A 60 -20.27 3.69 4.25
N LEU A 61 -20.78 4.30 3.18
CA LEU A 61 -21.46 3.59 2.10
C LEU A 61 -20.83 2.29 1.62
N VAL A 62 -21.26 1.19 2.24
CA VAL A 62 -20.81 -0.15 1.89
C VAL A 62 -22.06 -1.02 1.97
N ASN A 63 -23.21 -0.33 1.91
CA ASN A 63 -24.53 -0.94 1.96
C ASN A 63 -24.59 -2.15 1.04
N GLY A 64 -25.41 -3.14 1.43
CA GLY A 64 -25.57 -4.34 0.64
C GLY A 64 -25.93 -4.06 -0.79
N LEU A 65 -26.50 -5.05 -1.47
CA LEU A 65 -26.88 -4.86 -2.86
C LEU A 65 -28.33 -5.33 -3.15
N PRO A 66 -28.67 -6.56 -2.79
CA PRO A 66 -30.07 -6.93 -3.09
C PRO A 66 -31.12 -6.07 -2.35
N PRO A 67 -30.85 -5.69 -1.09
CA PRO A 67 -31.78 -4.88 -0.29
C PRO A 67 -31.73 -3.36 -0.41
N TYR A 68 -32.89 -2.78 -0.76
CA TYR A 68 -33.08 -1.33 -0.89
C TYR A 68 -31.90 -0.57 -1.49
N LYS A 69 -30.93 -1.31 -2.02
CA LYS A 69 -29.73 -0.73 -2.60
C LYS A 69 -28.96 -1.92 -3.14
N GLU A 70 -28.60 -1.86 -4.42
CA GLU A 70 -27.87 -2.90 -5.16
C GLU A 70 -26.49 -2.44 -5.62
N ILE A 71 -25.89 -3.18 -6.54
CA ILE A 71 -24.57 -2.87 -7.09
C ILE A 71 -24.54 -1.52 -7.82
N SER A 72 -25.32 -1.40 -8.90
CA SER A 72 -25.38 -0.16 -9.68
C SER A 72 -25.68 1.04 -8.78
N VAL A 73 -26.62 0.84 -7.87
CA VAL A 73 -27.03 1.87 -6.92
C VAL A 73 -25.89 2.20 -5.94
N HIS A 74 -25.04 1.21 -5.66
CA HIS A 74 -23.89 1.40 -4.77
C HIS A 74 -22.90 2.32 -5.45
N VAL A 75 -22.80 2.19 -6.77
CA VAL A 75 -21.89 3.04 -7.54
C VAL A 75 -22.52 4.43 -7.56
N PHE A 76 -23.82 4.47 -7.77
CA PHE A 76 -24.54 5.74 -7.78
C PHE A 76 -24.33 6.44 -6.43
N TYR A 77 -24.38 5.67 -5.34
CA TYR A 77 -24.18 6.22 -4.00
C TYR A 77 -22.79 6.79 -3.82
N ARG A 78 -21.81 6.09 -4.37
CA ARG A 78 -20.45 6.56 -4.26
C ARG A 78 -20.30 7.76 -5.18
N CYS A 79 -21.05 7.75 -6.28
CA CYS A 79 -21.04 8.86 -7.23
C CYS A 79 -21.51 10.14 -6.57
N GLN A 80 -22.68 10.11 -5.92
CA GLN A 80 -23.16 11.32 -5.29
C GLN A 80 -22.38 11.71 -4.04
N CYS A 81 -21.68 10.75 -3.44
CA CYS A 81 -20.86 11.08 -2.28
C CYS A 81 -19.65 11.90 -2.76
N THR A 82 -19.05 11.51 -3.88
CA THR A 82 -17.92 12.24 -4.41
C THR A 82 -18.40 13.62 -4.89
N THR A 83 -19.66 13.67 -5.33
CA THR A 83 -20.26 14.92 -5.80
C THR A 83 -20.51 15.92 -4.68
N VAL A 84 -20.99 15.43 -3.54
CA VAL A 84 -21.25 16.28 -2.39
C VAL A 84 -19.92 16.80 -1.80
N GLU A 85 -18.87 15.99 -1.89
CA GLU A 85 -17.59 16.42 -1.38
C GLU A 85 -17.01 17.49 -2.32
N THR A 86 -17.13 17.30 -3.64
CA THR A 86 -16.59 18.29 -4.56
C THR A 86 -17.32 19.63 -4.44
N VAL A 87 -18.57 19.60 -4.02
CA VAL A 87 -19.34 20.82 -3.84
C VAL A 87 -18.75 21.64 -2.68
N ARG A 88 -18.42 20.95 -1.58
CA ARG A 88 -17.82 21.63 -0.44
C ARG A 88 -16.53 22.35 -0.82
N GLU A 89 -15.71 21.69 -1.61
CA GLU A 89 -14.46 22.27 -2.05
C GLU A 89 -14.73 23.46 -2.97
N LEU A 90 -15.72 23.32 -3.85
CA LEU A 90 -16.08 24.39 -4.76
C LEU A 90 -16.58 25.60 -4.02
N THR A 91 -17.21 25.38 -2.89
CA THR A 91 -17.72 26.48 -2.08
C THR A 91 -16.55 27.24 -1.49
N GLU A 92 -15.61 26.50 -0.91
CA GLU A 92 -14.42 27.10 -0.32
C GLU A 92 -13.59 27.80 -1.40
N PHE A 93 -13.46 27.17 -2.56
CA PHE A 93 -12.74 27.77 -3.67
C PHE A 93 -13.30 29.15 -3.97
N ALA A 94 -14.60 29.20 -4.22
CA ALA A 94 -15.28 30.44 -4.53
C ALA A 94 -15.13 31.49 -3.44
N LYS A 95 -15.20 31.07 -2.19
CA LYS A 95 -15.08 32.01 -1.06
C LYS A 95 -13.66 32.54 -0.91
N SER A 96 -12.70 31.90 -1.58
CA SER A 96 -11.32 32.38 -1.51
C SER A 96 -11.16 33.42 -2.62
N ILE A 97 -12.28 33.78 -3.24
CA ILE A 97 -12.26 34.79 -4.30
C ILE A 97 -13.00 36.01 -3.72
N PRO A 98 -12.25 37.01 -3.22
CA PRO A 98 -12.80 38.23 -2.62
C PRO A 98 -14.04 38.76 -3.33
N SER A 99 -13.94 38.88 -4.65
CA SER A 99 -15.03 39.36 -5.47
C SER A 99 -16.29 38.54 -5.22
N PHE A 100 -16.12 37.23 -5.07
CA PHE A 100 -17.22 36.33 -4.81
C PHE A 100 -17.80 36.57 -3.42
N SER A 101 -16.92 36.60 -2.41
CA SER A 101 -17.35 36.80 -1.03
C SER A 101 -17.92 38.17 -0.74
N SER A 102 -17.78 39.09 -1.69
CA SER A 102 -18.33 40.44 -1.56
C SER A 102 -19.86 40.35 -1.59
N LEU A 103 -20.37 39.63 -2.59
CA LEU A 103 -21.80 39.40 -2.80
C LEU A 103 -22.49 38.90 -1.54
N PHE A 104 -23.81 39.01 -1.51
CA PHE A 104 -24.58 38.51 -0.37
C PHE A 104 -24.66 37.00 -0.46
N LEU A 105 -24.67 36.33 0.69
CA LEU A 105 -24.72 34.88 0.73
C LEU A 105 -25.82 34.28 -0.11
N ASN A 106 -26.99 34.92 -0.11
CA ASN A 106 -28.09 34.40 -0.91
C ASN A 106 -27.67 34.30 -2.37
N ASP A 107 -27.00 35.33 -2.88
CA ASP A 107 -26.55 35.32 -4.25
C ASP A 107 -25.44 34.27 -4.44
N GLN A 108 -24.57 34.15 -3.44
CA GLN A 108 -23.49 33.17 -3.49
C GLN A 108 -24.06 31.79 -3.66
N VAL A 109 -25.11 31.49 -2.90
CA VAL A 109 -25.74 30.19 -2.98
C VAL A 109 -26.38 29.94 -4.32
N THR A 110 -26.98 30.96 -4.92
CA THR A 110 -27.62 30.76 -6.20
C THR A 110 -26.57 30.42 -7.23
N LEU A 111 -25.39 31.02 -7.11
CA LEU A 111 -24.30 30.74 -8.02
C LEU A 111 -23.77 29.32 -7.79
N LEU A 112 -23.54 28.95 -6.53
CA LEU A 112 -23.05 27.61 -6.29
C LEU A 112 -24.12 26.59 -6.70
N LYS A 113 -25.39 26.95 -6.56
CA LYS A 113 -26.47 26.06 -6.93
C LYS A 113 -26.60 25.74 -8.42
N TYR A 114 -26.44 26.74 -9.26
CA TYR A 114 -26.59 26.50 -10.69
C TYR A 114 -25.29 26.27 -11.43
N GLY A 115 -24.17 26.50 -10.75
CA GLY A 115 -22.89 26.30 -11.39
C GLY A 115 -22.02 25.13 -10.90
N VAL A 116 -22.28 24.64 -9.69
CA VAL A 116 -21.47 23.55 -9.14
C VAL A 116 -21.37 22.27 -9.99
N HIS A 117 -22.44 21.87 -10.67
CA HIS A 117 -22.38 20.67 -11.50
C HIS A 117 -21.58 20.87 -12.77
N GLU A 118 -21.66 22.07 -13.33
CA GLU A 118 -20.91 22.41 -14.53
C GLU A 118 -19.43 22.36 -14.18
N ALA A 119 -19.06 22.89 -13.02
CA ALA A 119 -17.66 22.87 -12.61
C ALA A 119 -17.20 21.43 -12.32
N ILE A 120 -18.11 20.65 -11.74
CA ILE A 120 -17.81 19.28 -11.41
C ILE A 120 -17.56 18.43 -12.66
N PHE A 121 -18.18 18.78 -13.77
CA PHE A 121 -17.98 18.00 -14.97
C PHE A 121 -16.74 18.42 -15.73
N ALA A 122 -16.37 19.70 -15.62
CA ALA A 122 -15.16 20.20 -16.27
C ALA A 122 -13.97 19.52 -15.60
N MET A 123 -13.96 19.52 -14.26
CA MET A 123 -12.89 18.91 -13.47
C MET A 123 -12.82 17.38 -13.64
N LEU A 124 -13.97 16.75 -13.77
CA LEU A 124 -14.06 15.30 -13.95
C LEU A 124 -13.05 14.84 -15.03
N ALA A 125 -12.91 15.65 -16.07
CA ALA A 125 -11.98 15.38 -17.18
C ALA A 125 -10.54 15.23 -16.73
N SER A 126 -10.15 15.94 -15.67
CA SER A 126 -8.80 15.89 -15.14
C SER A 126 -8.41 14.51 -14.59
N ILE A 127 -9.36 13.79 -13.99
CA ILE A 127 -9.10 12.47 -13.43
C ILE A 127 -9.56 11.35 -14.35
N VAL A 128 -10.07 11.72 -15.52
CA VAL A 128 -10.60 10.74 -16.43
C VAL A 128 -9.63 10.28 -17.47
N ASN A 129 -9.92 9.12 -18.02
CA ASN A 129 -9.08 8.56 -19.04
C ASN A 129 -9.99 8.01 -20.11
N LYS A 130 -9.40 7.66 -21.24
CA LYS A 130 -10.18 7.12 -22.34
C LYS A 130 -10.79 5.80 -21.92
N ASP A 131 -10.16 5.11 -20.97
CA ASP A 131 -10.63 3.80 -20.50
C ASP A 131 -11.25 3.71 -19.10
N GLY A 132 -11.14 4.76 -18.30
CA GLY A 132 -11.73 4.73 -16.97
C GLY A 132 -11.44 5.99 -16.17
N LEU A 133 -11.50 5.92 -14.84
CA LEU A 133 -11.22 7.11 -14.05
C LEU A 133 -10.77 6.78 -12.64
N LEU A 134 -10.01 7.70 -12.06
CA LEU A 134 -9.49 7.58 -10.71
C LEU A 134 -10.56 7.80 -9.66
N VAL A 135 -10.40 7.16 -8.51
CA VAL A 135 -11.33 7.36 -7.42
C VAL A 135 -10.57 7.29 -6.10
N ALA A 136 -11.13 7.88 -5.06
CA ALA A 136 -10.47 7.87 -3.76
C ALA A 136 -9.03 8.35 -3.89
N ASN A 137 -8.85 9.66 -4.03
CA ASN A 137 -7.52 10.26 -4.16
C ASN A 137 -6.56 9.64 -5.16
N GLY A 138 -7.10 8.96 -6.18
CA GLY A 138 -6.23 8.35 -7.17
C GLY A 138 -5.76 6.97 -6.77
N SER A 139 -6.14 6.57 -5.55
CA SER A 139 -5.78 5.27 -5.04
C SER A 139 -6.41 4.18 -5.91
N GLY A 140 -7.59 4.48 -6.44
CA GLY A 140 -8.27 3.51 -7.28
C GLY A 140 -8.52 3.99 -8.71
N PHE A 141 -8.91 3.05 -9.57
CA PHE A 141 -9.21 3.36 -10.95
C PHE A 141 -10.32 2.45 -11.48
N VAL A 142 -11.49 3.04 -11.72
CA VAL A 142 -12.65 2.29 -12.21
C VAL A 142 -12.75 2.36 -13.71
N THR A 143 -12.80 1.20 -14.37
CA THR A 143 -12.87 1.19 -15.83
C THR A 143 -14.20 1.69 -16.40
N ARG A 144 -14.10 2.28 -17.59
CA ARG A 144 -15.24 2.82 -18.28
C ARG A 144 -16.16 1.66 -18.67
N GLU A 145 -15.56 0.52 -18.96
CA GLU A 145 -16.31 -0.67 -19.34
C GLU A 145 -17.22 -1.10 -18.21
N PHE A 146 -16.67 -1.16 -17.00
CA PHE A 146 -17.46 -1.54 -15.84
C PHE A 146 -18.68 -0.60 -15.72
N LEU A 147 -18.43 0.69 -15.58
CA LEU A 147 -19.53 1.64 -15.43
C LEU A 147 -20.66 1.44 -16.44
N ARG A 148 -20.32 1.20 -17.70
CA ARG A 148 -21.36 1.01 -18.69
C ARG A 148 -22.09 -0.33 -18.64
N SER A 149 -21.74 -1.16 -17.66
CA SER A 149 -22.37 -2.47 -17.50
C SER A 149 -23.39 -2.46 -16.36
N LEU A 150 -23.72 -1.26 -15.89
CA LEU A 150 -24.68 -1.12 -14.80
C LEU A 150 -26.10 -1.11 -15.34
N ARG A 151 -27.10 -1.12 -14.46
CA ARG A 151 -28.48 -1.08 -14.92
C ARG A 151 -28.68 0.16 -15.76
N LYS A 152 -29.42 0.01 -16.86
CA LYS A 152 -29.71 1.06 -17.82
C LYS A 152 -29.84 2.46 -17.25
N PRO A 153 -30.52 2.61 -16.10
CA PRO A 153 -30.60 4.00 -15.63
C PRO A 153 -29.22 4.61 -15.31
N PHE A 154 -28.56 4.05 -14.31
CA PHE A 154 -27.27 4.53 -13.84
C PHE A 154 -26.17 4.56 -14.90
N SER A 155 -26.17 3.57 -15.77
CA SER A 155 -25.18 3.50 -16.83
C SER A 155 -25.16 4.69 -17.81
N ASP A 156 -26.31 5.19 -18.22
CA ASP A 156 -26.32 6.29 -19.19
C ASP A 156 -26.19 7.71 -18.64
N ILE A 157 -26.14 7.86 -17.32
CA ILE A 157 -25.94 9.19 -16.76
C ILE A 157 -24.42 9.35 -16.67
N ILE A 158 -23.72 8.22 -16.70
CA ILE A 158 -22.26 8.18 -16.63
C ILE A 158 -21.58 8.38 -17.98
N GLU A 159 -22.05 7.68 -19.02
CA GLU A 159 -21.48 7.76 -20.37
C GLU A 159 -21.21 9.15 -20.90
N PRO A 160 -22.26 9.99 -21.01
CA PRO A 160 -22.10 11.37 -21.53
C PRO A 160 -20.93 12.15 -20.91
N LYS A 161 -20.68 11.93 -19.62
CA LYS A 161 -19.59 12.58 -18.92
C LYS A 161 -18.22 12.26 -19.56
N PHE A 162 -18.06 11.00 -19.98
CA PHE A 162 -16.83 10.56 -20.64
C PHE A 162 -16.71 11.21 -22.00
N GLU A 163 -17.77 11.11 -22.81
CA GLU A 163 -17.74 11.70 -24.14
C GLU A 163 -17.25 13.13 -24.01
N PHE A 164 -17.68 13.82 -22.96
CA PHE A 164 -17.27 15.20 -22.78
C PHE A 164 -15.82 15.31 -22.34
N ALA A 165 -15.46 14.54 -21.33
CA ALA A 165 -14.10 14.53 -20.77
C ALA A 165 -12.99 14.29 -21.78
N VAL A 166 -13.19 13.32 -22.65
CA VAL A 166 -12.19 12.97 -23.65
C VAL A 166 -11.93 14.14 -24.59
N LYS A 167 -12.99 14.77 -25.08
CA LYS A 167 -12.85 15.90 -25.98
C LYS A 167 -12.28 17.11 -25.24
N PHE A 168 -12.62 17.22 -23.96
CA PHE A 168 -12.15 18.34 -23.19
C PHE A 168 -10.65 18.23 -23.00
N ASN A 169 -10.16 17.04 -22.70
CA ASN A 169 -8.72 16.86 -22.49
C ASN A 169 -7.86 17.07 -23.73
N ALA A 170 -8.48 17.09 -24.91
CA ALA A 170 -7.74 17.34 -26.14
C ALA A 170 -7.20 18.78 -26.15
N LEU A 171 -7.88 19.68 -25.44
CA LEU A 171 -7.44 21.08 -25.37
C LEU A 171 -6.12 21.23 -24.60
N GLU A 172 -5.74 20.19 -23.85
CA GLU A 172 -4.48 20.16 -23.10
C GLU A 172 -4.31 21.28 -22.07
N LEU A 173 -5.29 21.50 -21.23
CA LEU A 173 -5.22 22.54 -20.21
C LEU A 173 -4.48 22.11 -18.94
N ASP A 174 -3.82 23.05 -18.26
CA ASP A 174 -3.13 22.75 -17.01
C ASP A 174 -4.00 23.29 -15.87
N ASP A 175 -3.59 23.10 -14.63
CA ASP A 175 -4.39 23.53 -13.50
C ASP A 175 -4.64 25.02 -13.43
N SER A 176 -3.62 25.82 -13.77
CA SER A 176 -3.75 27.27 -13.73
C SER A 176 -4.82 27.72 -14.72
N ASP A 177 -4.98 27.00 -15.83
CA ASP A 177 -6.02 27.35 -16.79
C ASP A 177 -7.38 26.99 -16.17
N LEU A 178 -7.46 25.77 -15.65
CA LEU A 178 -8.70 25.31 -15.05
C LEU A 178 -9.20 26.23 -13.95
N ALA A 179 -8.29 26.79 -13.17
CA ALA A 179 -8.70 27.65 -12.09
C ALA A 179 -9.50 28.81 -12.64
N LEU A 180 -9.00 29.42 -13.70
CA LEU A 180 -9.69 30.54 -14.33
C LEU A 180 -11.02 30.09 -14.94
N PHE A 181 -10.98 28.93 -15.59
CA PHE A 181 -12.15 28.36 -16.25
C PHE A 181 -13.29 28.05 -15.27
N ILE A 182 -12.96 27.40 -14.16
CA ILE A 182 -13.94 27.04 -13.15
C ILE A 182 -14.49 28.28 -12.47
N ALA A 183 -13.64 29.28 -12.27
CA ALA A 183 -14.09 30.52 -11.65
C ALA A 183 -15.10 31.19 -12.58
N ALA A 184 -14.88 31.02 -13.88
CA ALA A 184 -15.75 31.56 -14.91
C ALA A 184 -17.13 30.93 -14.88
N ILE A 185 -17.20 29.61 -14.79
CA ILE A 185 -18.50 28.97 -14.79
C ILE A 185 -19.28 29.28 -13.50
N ILE A 186 -18.59 29.57 -12.40
CA ILE A 186 -19.29 29.87 -11.16
C ILE A 186 -19.79 31.31 -11.08
N LEU A 187 -18.93 32.27 -11.41
CA LEU A 187 -19.34 33.68 -11.38
C LEU A 187 -19.98 34.02 -12.72
N CYS A 188 -21.08 33.33 -12.99
CA CYS A 188 -21.85 33.46 -14.20
C CYS A 188 -23.11 34.31 -13.97
N GLY A 189 -23.24 35.38 -14.73
CA GLY A 189 -24.37 36.28 -14.56
C GLY A 189 -25.74 35.83 -15.01
N ASP A 190 -25.85 34.76 -15.76
CA ASP A 190 -27.16 34.31 -16.22
C ASP A 190 -27.91 33.37 -15.28
N ARG A 191 -27.46 33.23 -14.04
CA ARG A 191 -28.14 32.30 -13.13
C ARG A 191 -29.52 32.75 -12.60
N PRO A 192 -30.52 31.87 -12.70
CA PRO A 192 -31.90 32.07 -12.27
C PRO A 192 -32.05 32.50 -10.81
N GLY A 193 -32.65 33.66 -10.60
CA GLY A 193 -32.83 34.17 -9.26
C GLY A 193 -31.70 35.04 -8.77
N LEU A 194 -30.71 35.31 -9.62
CA LEU A 194 -29.60 36.16 -9.20
C LEU A 194 -30.17 37.53 -8.87
N MET A 195 -29.81 38.04 -7.71
CA MET A 195 -30.27 39.35 -7.26
C MET A 195 -29.45 40.48 -7.90
N ASN A 196 -28.16 40.52 -7.62
CA ASN A 196 -27.31 41.57 -8.17
C ASN A 196 -26.51 41.12 -9.42
N VAL A 197 -27.23 40.89 -10.53
CA VAL A 197 -26.59 40.45 -11.77
C VAL A 197 -25.59 41.44 -12.36
N PRO A 198 -25.88 42.74 -12.27
CA PRO A 198 -24.89 43.65 -12.85
C PRO A 198 -23.54 43.51 -12.18
N ARG A 199 -23.54 43.16 -10.90
CA ARG A 199 -22.29 43.00 -10.17
C ARG A 199 -21.59 41.72 -10.63
N VAL A 200 -22.37 40.66 -10.75
CA VAL A 200 -21.86 39.36 -11.18
C VAL A 200 -21.34 39.46 -12.61
N GLU A 201 -22.15 39.99 -13.51
CA GLU A 201 -21.73 40.11 -14.91
C GLU A 201 -20.32 40.70 -15.00
N ALA A 202 -20.04 41.71 -14.17
CA ALA A 202 -18.76 42.39 -14.17
C ALA A 202 -17.60 41.52 -13.71
N ILE A 203 -17.83 40.70 -12.68
CA ILE A 203 -16.77 39.81 -12.18
C ILE A 203 -16.52 38.75 -13.24
N GLN A 204 -17.59 38.28 -13.88
CA GLN A 204 -17.42 37.29 -14.95
C GLN A 204 -16.56 37.89 -16.06
N ASP A 205 -16.86 39.13 -16.45
CA ASP A 205 -16.10 39.78 -17.50
C ASP A 205 -14.60 39.80 -17.20
N THR A 206 -14.25 40.22 -15.99
CA THR A 206 -12.84 40.27 -15.59
C THR A 206 -12.18 38.88 -15.63
N ILE A 207 -12.89 37.85 -15.17
CA ILE A 207 -12.35 36.50 -15.14
C ILE A 207 -12.05 36.01 -16.55
N LEU A 208 -13.05 36.12 -17.45
CA LEU A 208 -12.85 35.69 -18.84
C LEU A 208 -11.74 36.53 -19.52
N ARG A 209 -11.63 37.78 -19.12
CA ARG A 209 -10.62 38.68 -19.67
C ARG A 209 -9.25 38.19 -19.21
N ALA A 210 -9.15 37.84 -17.93
CA ALA A 210 -7.91 37.31 -17.37
C ALA A 210 -7.69 35.93 -17.97
N LEU A 211 -8.78 35.21 -18.18
CA LEU A 211 -8.72 33.90 -18.77
C LEU A 211 -8.05 33.99 -20.13
N GLU A 212 -8.54 34.88 -20.99
CA GLU A 212 -7.95 35.01 -22.32
C GLU A 212 -6.49 35.46 -22.28
N PHE A 213 -6.15 36.35 -21.35
CA PHE A 213 -4.77 36.82 -21.25
C PHE A 213 -3.87 35.72 -20.72
N HIS A 214 -4.40 34.85 -19.86
CA HIS A 214 -3.59 33.76 -19.33
C HIS A 214 -3.31 32.73 -20.40
N LEU A 215 -4.27 32.49 -21.28
CA LEU A 215 -4.12 31.54 -22.38
C LEU A 215 -3.15 32.12 -23.40
N GLN A 216 -2.87 33.41 -23.28
CA GLN A 216 -1.93 34.07 -24.16
C GLN A 216 -0.52 33.62 -23.81
N ALA A 217 -0.16 33.77 -22.54
CA ALA A 217 1.16 33.41 -22.06
C ALA A 217 1.30 32.03 -21.44
N ASN A 218 0.60 31.04 -22.00
CA ASN A 218 0.70 29.67 -21.48
C ASN A 218 0.51 28.72 -22.65
N HIS A 219 -0.30 29.13 -23.63
CA HIS A 219 -0.56 28.31 -24.80
C HIS A 219 -0.31 29.09 -26.09
N PRO A 220 0.88 29.73 -26.21
CA PRO A 220 1.21 30.52 -27.40
C PRO A 220 0.84 29.81 -28.69
N ASP A 221 1.60 28.78 -29.03
CA ASP A 221 1.34 28.01 -30.24
C ASP A 221 0.10 27.17 -29.99
N ALA A 222 -1.05 27.68 -30.41
CA ALA A 222 -2.32 26.98 -30.23
C ALA A 222 -3.44 27.59 -31.05
N GLN A 223 -4.38 26.76 -31.47
CA GLN A 223 -5.52 27.17 -32.29
C GLN A 223 -6.40 28.23 -31.63
N TYR A 224 -7.70 28.17 -31.93
CA TYR A 224 -8.66 29.10 -31.36
C TYR A 224 -9.07 28.56 -29.98
N LEU A 225 -8.11 28.56 -29.05
CA LEU A 225 -8.37 28.03 -27.71
C LEU A 225 -9.45 28.80 -26.95
N PHE A 226 -9.24 30.09 -26.73
CA PHE A 226 -10.20 30.92 -25.99
C PHE A 226 -11.64 30.68 -26.42
N PRO A 227 -12.00 31.03 -27.66
CA PRO A 227 -13.40 30.79 -28.00
C PRO A 227 -13.78 29.31 -27.94
N LYS A 228 -12.80 28.44 -28.13
CA LYS A 228 -13.08 27.01 -28.11
C LYS A 228 -13.55 26.63 -26.70
N LEU A 229 -13.05 27.35 -25.70
CA LEU A 229 -13.43 27.13 -24.31
C LEU A 229 -14.79 27.72 -23.99
N LEU A 230 -15.19 28.76 -24.73
CA LEU A 230 -16.49 29.41 -24.53
C LEU A 230 -17.62 28.51 -25.00
N GLN A 231 -17.34 27.73 -26.05
CA GLN A 231 -18.34 26.81 -26.54
C GLN A 231 -18.40 25.64 -25.57
N LYS A 232 -17.28 25.33 -24.91
CA LYS A 232 -17.28 24.23 -23.95
C LYS A 232 -18.19 24.58 -22.81
N MET A 233 -18.19 25.85 -22.42
CA MET A 233 -19.03 26.33 -21.35
C MET A 233 -20.48 26.12 -21.78
N ALA A 234 -20.80 26.47 -23.03
CA ALA A 234 -22.14 26.26 -23.53
C ALA A 234 -22.44 24.76 -23.45
N ASP A 235 -21.51 23.95 -23.95
CA ASP A 235 -21.66 22.50 -23.91
C ASP A 235 -21.88 22.01 -22.49
N LEU A 236 -21.20 22.64 -21.54
CA LEU A 236 -21.32 22.28 -20.13
C LEU A 236 -22.71 22.60 -19.63
N ARG A 237 -23.26 23.73 -20.08
CA ARG A 237 -24.58 24.14 -19.67
C ARG A 237 -25.64 23.15 -20.16
N GLN A 238 -25.38 22.52 -21.30
CA GLN A 238 -26.30 21.54 -21.87
C GLN A 238 -26.16 20.17 -21.20
N LEU A 239 -24.92 19.77 -20.91
CA LEU A 239 -24.65 18.49 -20.25
C LEU A 239 -25.32 18.47 -18.88
N VAL A 240 -25.33 19.59 -18.19
CA VAL A 240 -25.94 19.64 -16.87
C VAL A 240 -27.46 19.59 -17.02
N THR A 241 -27.95 20.10 -18.13
CA THR A 241 -29.38 20.06 -18.36
C THR A 241 -29.88 18.63 -18.56
N GLU A 242 -29.17 17.84 -19.37
CA GLU A 242 -29.55 16.47 -19.63
C GLU A 242 -29.26 15.61 -18.40
N HIS A 243 -28.33 16.06 -17.56
CA HIS A 243 -28.01 15.33 -16.36
C HIS A 243 -29.16 15.45 -15.36
N ALA A 244 -29.70 16.66 -15.30
CA ALA A 244 -30.78 17.00 -14.40
C ALA A 244 -32.05 16.26 -14.81
N GLN A 245 -32.19 16.04 -16.11
CA GLN A 245 -33.34 15.34 -16.65
C GLN A 245 -33.22 13.87 -16.29
N MET A 246 -31.99 13.37 -16.35
CA MET A 246 -31.72 11.99 -16.02
C MET A 246 -31.85 11.79 -14.51
N MET A 247 -31.48 12.79 -13.73
CA MET A 247 -31.62 12.70 -12.29
C MET A 247 -33.12 12.71 -12.01
N GLN A 248 -33.87 13.43 -12.84
CA GLN A 248 -35.32 13.52 -12.67
C GLN A 248 -35.94 12.13 -12.81
N ARG A 249 -35.55 11.46 -13.87
CA ARG A 249 -36.04 10.14 -14.15
C ARG A 249 -35.78 9.16 -13.00
N ILE A 250 -34.56 9.17 -12.46
CA ILE A 250 -34.23 8.26 -11.37
C ILE A 250 -35.06 8.59 -10.11
N LYS A 251 -35.47 9.83 -9.94
CA LYS A 251 -36.25 10.17 -8.75
C LYS A 251 -37.68 9.67 -8.87
N LYS A 252 -38.17 9.54 -10.09
CA LYS A 252 -39.52 9.07 -10.32
C LYS A 252 -39.55 7.56 -10.50
N THR A 253 -38.47 7.01 -11.04
CA THR A 253 -38.37 5.59 -11.35
C THR A 253 -37.64 4.71 -10.34
N GLU A 254 -36.56 5.21 -9.77
CA GLU A 254 -35.78 4.46 -8.79
C GLU A 254 -36.11 4.92 -7.38
N THR A 255 -37.39 4.84 -7.03
CA THR A 255 -37.85 5.27 -5.72
C THR A 255 -37.12 4.60 -4.56
N GLU A 256 -36.65 3.38 -4.79
CA GLU A 256 -35.96 2.61 -3.78
C GLU A 256 -34.60 3.22 -3.42
N THR A 257 -33.99 3.94 -4.35
CA THR A 257 -32.69 4.53 -4.06
C THR A 257 -32.86 5.96 -3.55
N SER A 258 -32.08 6.32 -2.54
CA SER A 258 -32.19 7.64 -1.95
C SER A 258 -31.19 8.67 -2.47
N LEU A 259 -31.61 9.92 -2.49
CA LEU A 259 -30.78 11.03 -2.95
C LEU A 259 -30.41 11.89 -1.75
N HIS A 260 -29.20 12.41 -1.76
CA HIS A 260 -28.67 13.25 -0.69
C HIS A 260 -29.46 14.57 -0.58
N PRO A 261 -29.83 14.97 0.64
CA PRO A 261 -30.59 16.21 0.85
C PRO A 261 -30.01 17.47 0.19
N LEU A 262 -28.69 17.58 0.11
CA LEU A 262 -28.10 18.75 -0.50
C LEU A 262 -28.31 18.74 -2.01
N LEU A 263 -28.21 17.56 -2.59
CA LEU A 263 -28.40 17.42 -4.03
C LEU A 263 -29.86 17.61 -4.45
N GLN A 264 -30.80 17.25 -3.58
CA GLN A 264 -32.20 17.44 -3.93
C GLN A 264 -32.50 18.95 -3.95
N GLU A 265 -31.78 19.69 -3.10
CA GLU A 265 -31.93 21.15 -3.00
C GLU A 265 -31.46 21.83 -4.29
N ILE A 266 -30.38 21.32 -4.88
CA ILE A 266 -29.83 21.87 -6.11
C ILE A 266 -30.79 21.60 -7.26
N TYR A 267 -31.55 20.52 -7.18
CA TYR A 267 -32.49 20.16 -8.24
C TYR A 267 -33.93 20.65 -7.98
N LYS A 268 -34.21 21.10 -6.76
CA LYS A 268 -35.54 21.57 -6.37
C LYS A 268 -36.15 22.51 -7.41
N ASP A 269 -35.49 23.64 -7.64
CA ASP A 269 -35.97 24.62 -8.60
C ASP A 269 -35.19 24.45 -9.90
N MET A 270 -34.39 23.40 -9.96
CA MET A 270 -33.59 23.11 -11.15
C MET A 270 -34.11 21.84 -11.82
N TYR A 271 -33.62 21.51 -12.93
N GLN B 1 6.34 2.80 -5.30
CA GLN B 1 5.00 3.35 -5.69
C GLN B 1 3.85 2.69 -4.92
N VAL B 2 2.86 2.19 -5.66
CA VAL B 2 1.71 1.53 -5.04
C VAL B 2 1.58 0.07 -5.48
N ALA B 3 0.57 -0.24 -6.30
CA ALA B 3 0.34 -1.61 -6.77
C ALA B 3 1.63 -2.38 -7.11
N ASP B 4 2.52 -1.76 -7.88
CA ASP B 4 3.78 -2.39 -8.25
C ASP B 4 4.58 -2.69 -6.99
N LEU B 5 4.55 -1.76 -6.04
CA LEU B 5 5.25 -1.92 -4.76
C LEU B 5 4.30 -2.62 -3.79
N LYS B 6 3.20 -3.13 -4.34
CA LYS B 6 2.19 -3.84 -3.58
C LYS B 6 2.26 -5.29 -4.04
N ALA B 7 2.35 -5.47 -5.35
CA ALA B 7 2.43 -6.79 -5.94
C ALA B 7 3.86 -7.31 -5.77
N PHE B 8 4.71 -6.48 -5.17
CA PHE B 8 6.10 -6.84 -4.93
C PHE B 8 6.21 -7.39 -3.51
N SER B 9 5.55 -6.71 -2.59
CA SER B 9 5.55 -7.11 -1.19
C SER B 9 4.68 -8.35 -0.99
N LYS B 10 3.84 -8.65 -1.98
CA LYS B 10 2.95 -9.80 -1.92
C LYS B 10 3.61 -11.01 -2.57
N HIS B 11 4.41 -10.77 -3.60
CA HIS B 11 5.08 -11.87 -4.27
C HIS B 11 6.14 -12.46 -3.36
N ILE B 12 6.74 -11.62 -2.51
CA ILE B 12 7.74 -12.09 -1.58
C ILE B 12 7.05 -12.73 -0.36
N TYR B 13 5.77 -12.44 -0.19
CA TYR B 13 5.00 -13.00 0.91
C TYR B 13 4.50 -14.40 0.59
N ASN B 14 4.19 -14.66 -0.68
CA ASN B 14 3.73 -15.98 -1.06
C ASN B 14 4.96 -16.88 -1.15
N ALA B 15 6.07 -16.31 -1.61
CA ALA B 15 7.32 -17.06 -1.69
C ALA B 15 7.67 -17.51 -0.27
N TYR B 16 7.43 -16.63 0.70
CA TYR B 16 7.68 -16.93 2.10
C TYR B 16 6.67 -17.94 2.66
N LEU B 17 5.47 -17.99 2.08
CA LEU B 17 4.47 -18.95 2.56
C LEU B 17 4.66 -20.34 1.98
N LYS B 18 5.24 -20.46 0.79
CA LYS B 18 5.42 -21.78 0.21
C LYS B 18 6.82 -22.35 0.34
N ASN B 19 7.67 -21.71 1.13
CA ASN B 19 9.03 -22.20 1.30
C ASN B 19 9.38 -22.48 2.74
N PHE B 20 8.52 -22.02 3.66
CA PHE B 20 8.72 -22.21 5.08
C PHE B 20 7.49 -22.92 5.65
N ASN B 21 7.67 -24.15 6.11
CA ASN B 21 6.57 -24.95 6.64
C ASN B 21 5.91 -24.40 7.90
N MET B 22 6.70 -23.90 8.84
CA MET B 22 6.16 -23.35 10.08
C MET B 22 6.20 -21.82 10.07
N THR B 23 5.03 -21.21 10.05
CA THR B 23 4.89 -19.75 10.02
C THR B 23 4.61 -19.21 11.40
N LYS B 24 5.08 -18.00 11.68
CA LYS B 24 4.89 -17.40 12.99
C LYS B 24 3.50 -17.60 13.56
N LYS B 25 2.47 -17.33 12.76
CA LYS B 25 1.12 -17.48 13.26
C LYS B 25 0.71 -18.93 13.43
N LYS B 26 1.15 -19.78 12.52
CA LYS B 26 0.85 -21.20 12.60
C LYS B 26 1.56 -21.78 13.83
N ALA B 27 2.58 -21.06 14.29
CA ALA B 27 3.37 -21.45 15.44
C ALA B 27 2.94 -20.70 16.69
N ARG B 28 2.47 -19.48 16.52
CA ARG B 28 2.03 -18.67 17.66
C ARG B 28 0.77 -19.36 18.16
N SER B 29 0.19 -20.17 17.29
CA SER B 29 -1.00 -20.94 17.57
C SER B 29 -0.73 -21.95 18.70
N ILE B 30 0.18 -22.89 18.43
CA ILE B 30 0.53 -23.91 19.41
C ILE B 30 0.90 -23.29 20.77
N LEU B 31 1.95 -22.48 20.78
CA LEU B 31 2.41 -21.83 22.01
C LEU B 31 1.31 -21.08 22.76
N THR B 32 0.20 -20.77 22.08
CA THR B 32 -0.90 -20.04 22.70
C THR B 32 -1.23 -20.56 24.10
N GLY B 33 -2.19 -21.48 24.20
CA GLY B 33 -2.55 -22.02 25.50
C GLY B 33 -4.01 -22.34 25.68
N LYS B 34 -4.86 -21.82 24.79
CA LYS B 34 -6.29 -22.07 24.85
C LYS B 34 -6.71 -23.06 23.76
N ALA B 35 -6.00 -23.02 22.64
CA ALA B 35 -6.27 -23.90 21.50
C ALA B 35 -5.49 -25.21 21.63
N SER B 36 -6.17 -26.26 22.07
CA SER B 36 -5.53 -27.57 22.24
C SER B 36 -5.41 -28.33 20.92
N HIS B 37 -5.45 -27.59 19.82
CA HIS B 37 -5.33 -28.17 18.48
C HIS B 37 -4.01 -28.90 18.33
N THR B 38 -3.02 -28.50 19.12
CA THR B 38 -1.71 -29.12 19.07
C THR B 38 -0.99 -28.90 20.41
N ALA B 39 -0.91 -29.95 21.22
CA ALA B 39 -0.24 -29.85 22.51
C ALA B 39 1.18 -30.40 22.38
N PRO B 40 2.18 -29.50 22.26
CA PRO B 40 3.59 -29.89 22.13
C PRO B 40 4.14 -30.65 23.33
N PHE B 41 4.71 -31.82 23.08
CA PHE B 41 5.29 -32.63 24.13
C PHE B 41 6.49 -31.88 24.72
N VAL B 42 6.38 -31.51 25.99
CA VAL B 42 7.45 -30.77 26.67
C VAL B 42 8.60 -31.69 27.02
N ILE B 43 9.81 -31.11 27.02
CA ILE B 43 11.01 -31.86 27.37
C ILE B 43 11.45 -31.46 28.79
N HIS B 44 12.48 -30.62 28.89
CA HIS B 44 13.03 -30.10 30.14
C HIS B 44 14.11 -30.95 30.81
N ASP B 45 14.27 -32.19 30.35
CA ASP B 45 15.32 -33.07 30.90
C ASP B 45 15.64 -34.29 30.02
N ILE B 46 16.74 -34.96 30.35
CA ILE B 46 17.19 -36.14 29.60
C ILE B 46 16.17 -37.23 29.35
N GLU B 47 15.30 -37.49 30.33
CA GLU B 47 14.30 -38.55 30.21
C GLU B 47 13.27 -38.32 29.11
N THR B 48 12.65 -37.14 29.14
CA THR B 48 11.65 -36.79 28.15
C THR B 48 12.29 -36.57 26.80
N LEU B 49 13.55 -36.15 26.82
CA LEU B 49 14.30 -35.92 25.60
C LEU B 49 14.53 -37.30 24.98
N TRP B 50 14.78 -38.28 25.82
CA TRP B 50 15.00 -39.63 25.34
C TRP B 50 13.73 -40.22 24.71
N GLN B 51 12.60 -40.06 25.39
CA GLN B 51 11.37 -40.61 24.83
C GLN B 51 10.92 -39.82 23.62
N ALA B 52 11.05 -38.50 23.69
CA ALA B 52 10.68 -37.63 22.59
C ALA B 52 11.34 -38.16 21.32
N GLU B 53 12.54 -38.71 21.46
CA GLU B 53 13.27 -39.27 20.34
C GLU B 53 12.53 -40.49 19.80
N LYS B 54 11.24 -40.57 20.11
CA LYS B 54 10.38 -41.65 19.70
C LYS B 54 8.96 -41.09 19.50
N GLY B 55 8.42 -40.49 20.56
CA GLY B 55 7.08 -39.91 20.49
C GLY B 55 6.99 -38.75 19.50
N LEU B 56 8.14 -38.23 19.09
CA LEU B 56 8.21 -37.14 18.12
C LEU B 56 8.95 -37.63 16.89
N VAL B 57 9.67 -38.74 17.06
CA VAL B 57 10.45 -39.39 16.01
C VAL B 57 11.52 -38.50 15.39
N TRP B 58 12.60 -39.14 14.94
CA TRP B 58 13.73 -38.45 14.30
C TRP B 58 14.69 -39.46 13.65
N LYS B 59 14.93 -39.29 12.36
CA LYS B 59 15.81 -40.16 11.59
C LYS B 59 17.28 -40.23 12.04
N GLN B 60 17.52 -40.82 13.21
CA GLN B 60 18.88 -40.94 13.72
C GLN B 60 18.97 -42.00 14.80
N LEU B 61 18.06 -42.97 14.75
CA LEU B 61 18.01 -44.05 15.74
C LEU B 61 17.48 -43.50 17.07
N VAL B 62 16.92 -44.39 17.89
CA VAL B 62 16.38 -44.01 19.19
C VAL B 62 17.46 -43.33 20.06
N ASN B 63 17.45 -42.00 20.07
CA ASN B 63 18.42 -41.21 20.85
C ASN B 63 19.85 -41.50 20.40
N GLY B 64 20.72 -41.80 21.37
CA GLY B 64 22.10 -42.09 21.04
C GLY B 64 23.10 -41.12 21.64
N LEU B 65 23.48 -41.38 22.89
CA LEU B 65 24.46 -40.53 23.56
C LEU B 65 25.60 -41.38 24.08
N PRO B 66 26.26 -42.15 23.19
CA PRO B 66 27.37 -43.03 23.54
C PRO B 66 28.59 -42.29 24.12
N PRO B 67 29.59 -43.05 24.58
CA PRO B 67 30.78 -42.38 25.13
C PRO B 67 31.44 -41.47 24.09
N TYR B 68 31.13 -41.69 22.81
CA TYR B 68 31.66 -40.90 21.70
C TYR B 68 30.80 -39.67 21.38
N LYS B 69 29.57 -39.68 21.89
CA LYS B 69 28.62 -38.59 21.69
C LYS B 69 27.78 -38.52 22.94
N GLU B 70 27.69 -37.34 23.55
CA GLU B 70 26.91 -37.19 24.77
C GLU B 70 25.64 -36.41 24.53
N ILE B 71 24.93 -36.12 25.62
CA ILE B 71 23.67 -35.36 25.60
C ILE B 71 23.79 -34.01 24.90
N SER B 72 24.49 -33.09 25.55
CA SER B 72 24.70 -31.75 25.03
C SER B 72 25.12 -31.73 23.57
N VAL B 73 26.02 -32.63 23.18
CA VAL B 73 26.45 -32.67 21.78
C VAL B 73 25.28 -33.09 20.88
N HIS B 74 24.44 -34.00 21.37
CA HIS B 74 23.28 -34.49 20.62
C HIS B 74 22.30 -33.35 20.36
N VAL B 75 22.23 -32.40 21.28
CA VAL B 75 21.36 -31.25 21.09
C VAL B 75 22.02 -30.45 19.98
N PHE B 76 23.33 -30.27 20.10
CA PHE B 76 24.09 -29.54 19.10
C PHE B 76 23.85 -30.11 17.71
N TYR B 77 24.04 -31.41 17.53
CA TYR B 77 23.82 -32.03 16.23
C TYR B 77 22.38 -31.78 15.78
N ARG B 78 21.47 -31.85 16.74
CA ARG B 78 20.04 -31.66 16.49
C ARG B 78 19.87 -30.26 15.93
N CYS B 79 20.49 -29.30 16.61
CA CYS B 79 20.42 -27.92 16.21
C CYS B 79 21.03 -27.64 14.84
N GLN B 80 22.17 -28.25 14.52
CA GLN B 80 22.79 -27.96 13.23
C GLN B 80 22.13 -28.67 12.07
N CYS B 81 21.36 -29.69 12.37
CA CYS B 81 20.64 -30.41 11.34
C CYS B 81 19.49 -29.49 10.91
N THR B 82 18.82 -28.87 11.88
CA THR B 82 17.73 -27.94 11.59
C THR B 82 18.24 -26.78 10.76
N THR B 83 19.32 -26.17 11.24
CA THR B 83 19.97 -25.05 10.55
C THR B 83 20.29 -25.34 9.09
N VAL B 84 20.81 -26.54 8.82
CA VAL B 84 21.16 -26.93 7.47
C VAL B 84 19.91 -26.97 6.59
N GLU B 85 18.79 -27.36 7.19
CA GLU B 85 17.51 -27.45 6.49
C GLU B 85 16.95 -26.05 6.25
N THR B 86 17.04 -25.18 7.26
CA THR B 86 16.53 -23.84 7.10
C THR B 86 17.31 -23.12 6.00
N VAL B 87 18.58 -23.49 5.85
CA VAL B 87 19.42 -22.91 4.81
C VAL B 87 18.84 -23.29 3.46
N ARG B 88 18.34 -24.51 3.34
CA ARG B 88 17.74 -24.98 2.09
C ARG B 88 16.48 -24.19 1.72
N GLU B 89 15.61 -23.96 2.69
CA GLU B 89 14.38 -23.24 2.43
C GLU B 89 14.75 -21.81 2.08
N LEU B 90 15.73 -21.24 2.80
CA LEU B 90 16.17 -19.87 2.53
C LEU B 90 16.73 -19.74 1.13
N THR B 91 17.36 -20.80 0.64
CA THR B 91 17.91 -20.78 -0.71
C THR B 91 16.75 -20.76 -1.70
N GLU B 92 15.78 -21.64 -1.48
CA GLU B 92 14.62 -21.70 -2.36
C GLU B 92 13.79 -20.42 -2.24
N PHE B 93 13.71 -19.88 -1.04
CA PHE B 93 12.97 -18.66 -0.80
C PHE B 93 13.56 -17.52 -1.63
N ALA B 94 14.86 -17.31 -1.51
CA ALA B 94 15.53 -16.25 -2.24
C ALA B 94 15.40 -16.45 -3.75
N LYS B 95 15.54 -17.68 -4.22
CA LYS B 95 15.43 -17.94 -5.65
C LYS B 95 14.06 -17.53 -6.17
N SER B 96 13.12 -17.34 -5.26
CA SER B 96 11.77 -16.92 -5.65
C SER B 96 11.66 -15.41 -5.63
N ILE B 97 12.58 -14.75 -4.92
CA ILE B 97 12.58 -13.29 -4.86
C ILE B 97 12.82 -12.71 -6.25
N PRO B 98 12.09 -11.64 -6.62
CA PRO B 98 12.16 -10.96 -7.91
C PRO B 98 13.50 -10.99 -8.64
N SER B 99 14.32 -9.98 -8.41
CA SER B 99 15.61 -9.89 -9.08
C SER B 99 16.74 -10.69 -8.45
N PHE B 100 16.42 -11.64 -7.59
CA PHE B 100 17.47 -12.45 -6.96
C PHE B 100 18.13 -13.41 -7.94
N SER B 101 17.32 -14.23 -8.61
CA SER B 101 17.84 -15.20 -9.57
C SER B 101 18.54 -14.52 -10.76
N SER B 102 18.41 -13.20 -10.86
CA SER B 102 19.04 -12.43 -11.92
C SER B 102 20.55 -12.42 -11.70
N LEU B 103 20.94 -12.24 -10.44
CA LEU B 103 22.36 -12.23 -10.08
C LEU B 103 23.05 -13.50 -10.55
N PHE B 104 24.38 -13.45 -10.65
CA PHE B 104 25.13 -14.61 -11.05
C PHE B 104 25.18 -15.59 -9.88
N LEU B 105 25.28 -16.88 -10.17
CA LEU B 105 25.30 -17.88 -9.12
C LEU B 105 26.22 -17.52 -7.97
N ASN B 106 27.44 -17.14 -8.31
CA ASN B 106 28.42 -16.77 -7.32
C ASN B 106 27.90 -15.66 -6.41
N ASP B 107 27.21 -14.68 -6.97
CA ASP B 107 26.72 -13.64 -6.10
C ASP B 107 25.56 -14.12 -5.24
N GLN B 108 24.80 -15.10 -5.69
CA GLN B 108 23.70 -15.61 -4.88
C GLN B 108 24.30 -16.36 -3.69
N VAL B 109 25.37 -17.09 -3.98
CA VAL B 109 26.06 -17.88 -2.96
C VAL B 109 26.66 -16.97 -1.91
N THR B 110 27.14 -15.81 -2.34
CA THR B 110 27.73 -14.88 -1.38
C THR B 110 26.68 -14.26 -0.45
N LEU B 111 25.50 -14.00 -0.98
CA LEU B 111 24.42 -13.42 -0.18
C LEU B 111 23.90 -14.43 0.84
N LEU B 112 23.66 -15.66 0.39
CA LEU B 112 23.17 -16.70 1.28
C LEU B 112 24.24 -16.96 2.35
N LYS B 113 25.46 -17.22 1.90
CA LYS B 113 26.56 -17.46 2.84
C LYS B 113 26.62 -16.45 3.99
N TYR B 114 26.40 -15.17 3.72
CA TYR B 114 26.48 -14.18 4.77
C TYR B 114 25.16 -13.75 5.44
N GLY B 115 24.03 -14.12 4.85
CA GLY B 115 22.76 -13.74 5.44
C GLY B 115 21.89 -14.87 5.98
N VAL B 116 22.18 -16.10 5.59
CA VAL B 116 21.36 -17.22 6.05
C VAL B 116 21.24 -17.34 7.58
N HIS B 117 22.32 -17.10 8.33
CA HIS B 117 22.22 -17.17 9.79
C HIS B 117 21.47 -15.96 10.38
N GLU B 118 21.58 -14.80 9.74
CA GLU B 118 20.87 -13.62 10.25
C GLU B 118 19.39 -13.82 10.06
N ALA B 119 19.02 -14.40 8.94
CA ALA B 119 17.61 -14.65 8.69
C ALA B 119 17.13 -15.74 9.62
N ILE B 120 17.95 -16.77 9.79
CA ILE B 120 17.59 -17.87 10.65
C ILE B 120 17.31 -17.37 12.07
N PHE B 121 18.26 -16.68 12.67
CA PHE B 121 18.02 -16.21 14.03
C PHE B 121 16.83 -15.27 14.16
N ALA B 122 16.37 -14.71 13.04
CA ALA B 122 15.21 -13.81 13.05
C ALA B 122 13.92 -14.65 13.05
N MET B 123 13.91 -15.70 12.25
CA MET B 123 12.75 -16.56 12.16
C MET B 123 12.59 -17.33 13.47
N LEU B 124 13.72 -17.53 14.15
CA LEU B 124 13.75 -18.25 15.41
C LEU B 124 12.78 -17.70 16.46
N ALA B 125 12.57 -16.39 16.44
CA ALA B 125 11.67 -15.73 17.36
C ALA B 125 10.22 -16.13 17.11
N SER B 126 9.92 -16.50 15.88
CA SER B 126 8.57 -16.89 15.51
C SER B 126 8.11 -18.18 16.17
N ILE B 127 9.06 -19.05 16.52
CA ILE B 127 8.75 -20.33 17.15
C ILE B 127 9.18 -20.37 18.61
N VAL B 128 9.77 -19.28 19.08
CA VAL B 128 10.24 -19.22 20.44
C VAL B 128 9.23 -18.70 21.45
N ASN B 129 9.61 -18.80 22.72
CA ASN B 129 8.78 -18.40 23.83
C ASN B 129 9.69 -17.94 24.97
N LYS B 130 9.12 -17.21 25.92
CA LYS B 130 9.91 -16.75 27.06
C LYS B 130 10.44 -17.92 27.87
N ASP B 131 9.73 -19.05 27.81
CA ASP B 131 10.11 -20.24 28.56
C ASP B 131 10.46 -21.47 27.72
N GLY B 132 10.74 -21.29 26.43
CA GLY B 132 11.09 -22.44 25.61
C GLY B 132 11.02 -22.22 24.11
N LEU B 133 11.37 -23.26 23.37
CA LEU B 133 11.39 -23.22 21.91
C LEU B 133 10.53 -24.33 21.35
N LEU B 134 9.82 -24.05 20.27
CA LEU B 134 8.96 -25.04 19.63
C LEU B 134 9.81 -25.85 18.65
N VAL B 135 9.79 -27.17 18.76
CA VAL B 135 10.59 -27.99 17.84
C VAL B 135 9.80 -29.11 17.20
N ALA B 136 10.47 -29.86 16.33
CA ALA B 136 9.84 -30.97 15.66
C ALA B 136 8.52 -30.53 15.03
N ASN B 137 8.64 -29.65 14.04
CA ASN B 137 7.50 -29.14 13.31
C ASN B 137 6.24 -28.94 14.16
N GLY B 138 6.39 -28.18 15.24
CA GLY B 138 5.27 -27.90 16.12
C GLY B 138 4.87 -28.99 17.10
N SER B 139 5.14 -30.25 16.76
CA SER B 139 4.77 -31.37 17.62
C SER B 139 5.45 -31.37 18.99
N GLY B 140 6.69 -30.88 19.06
CA GLY B 140 7.39 -30.83 20.32
C GLY B 140 7.67 -29.44 20.84
N PHE B 141 8.17 -29.38 22.07
CA PHE B 141 8.50 -28.09 22.69
C PHE B 141 9.52 -28.31 23.82
N VAL B 142 10.75 -27.89 23.55
CA VAL B 142 11.84 -28.01 24.51
C VAL B 142 11.93 -26.76 25.37
N THR B 143 11.99 -26.95 26.67
CA THR B 143 12.08 -25.82 27.58
C THR B 143 13.44 -25.15 27.50
N ARG B 144 13.44 -23.86 27.80
CA ARG B 144 14.63 -23.02 27.79
C ARG B 144 15.55 -23.41 28.95
N GLU B 145 14.95 -23.88 30.03
CA GLU B 145 15.72 -24.28 31.21
C GLU B 145 16.63 -25.45 30.86
N PHE B 146 16.05 -26.45 30.20
CA PHE B 146 16.80 -27.63 29.78
C PHE B 146 18.03 -27.22 28.99
N LEU B 147 17.84 -26.39 27.98
CA LEU B 147 18.95 -25.94 27.16
C LEU B 147 20.03 -25.22 27.95
N ARG B 148 19.63 -24.48 28.97
CA ARG B 148 20.59 -23.77 29.81
C ARG B 148 21.36 -24.77 30.69
N SER B 149 20.74 -25.93 30.90
CA SER B 149 21.28 -27.01 31.72
C SER B 149 22.21 -27.90 30.92
N LEU B 150 22.75 -27.38 29.82
CA LEU B 150 23.64 -28.16 28.98
C LEU B 150 25.09 -27.90 29.37
N ARG B 151 26.00 -28.71 28.84
CA ARG B 151 27.41 -28.57 29.14
C ARG B 151 27.91 -27.14 29.04
N LYS B 152 29.14 -26.95 29.50
CA LYS B 152 29.77 -25.65 29.51
C LYS B 152 30.06 -25.06 28.13
N PRO B 153 30.77 -25.80 27.25
CA PRO B 153 31.08 -25.26 25.92
C PRO B 153 29.85 -24.80 25.15
N PHE B 154 28.93 -25.72 24.88
CA PHE B 154 27.72 -25.38 24.17
C PHE B 154 26.89 -24.42 25.01
N SER B 155 25.70 -24.87 25.39
CA SER B 155 24.76 -24.13 26.23
C SER B 155 24.71 -22.61 26.05
N ASP B 156 25.83 -21.93 26.28
CA ASP B 156 25.86 -20.46 26.15
C ASP B 156 25.99 -19.98 24.72
N ILE B 157 25.52 -20.79 23.79
CA ILE B 157 25.53 -20.47 22.37
C ILE B 157 24.09 -20.32 21.88
N ILE B 158 23.16 -20.77 22.71
CA ILE B 158 21.74 -20.70 22.38
C ILE B 158 21.05 -19.64 23.26
N GLU B 159 21.62 -19.38 24.42
CA GLU B 159 21.03 -18.40 25.34
C GLU B 159 20.93 -17.02 24.69
N PRO B 160 22.06 -16.47 24.20
CA PRO B 160 22.03 -15.14 23.57
C PRO B 160 20.95 -14.97 22.50
N LYS B 161 20.55 -16.07 21.86
CA LYS B 161 19.53 -16.00 20.84
C LYS B 161 18.18 -15.71 21.48
N PHE B 162 17.83 -16.48 22.51
CA PHE B 162 16.57 -16.25 23.23
C PHE B 162 16.45 -14.77 23.57
N GLU B 163 17.54 -14.19 24.07
CA GLU B 163 17.58 -12.78 24.43
C GLU B 163 17.09 -11.98 23.23
N PHE B 164 17.56 -12.35 22.05
CA PHE B 164 17.17 -11.66 20.83
C PHE B 164 15.70 -11.91 20.56
N ALA B 165 15.33 -13.17 20.45
CA ALA B 165 13.95 -13.55 20.19
C ALA B 165 12.96 -12.85 21.12
N VAL B 166 13.34 -12.63 22.37
CA VAL B 166 12.46 -11.97 23.32
C VAL B 166 12.12 -10.57 22.84
N LYS B 167 13.13 -9.72 22.82
CA LYS B 167 12.98 -8.33 22.40
C LYS B 167 12.37 -8.22 21.00
N PHE B 168 12.86 -9.05 20.09
CA PHE B 168 12.37 -9.03 18.73
C PHE B 168 10.89 -9.34 18.62
N ASN B 169 10.34 -10.11 19.54
CA ASN B 169 8.91 -10.42 19.47
C ASN B 169 8.04 -9.34 20.12
N ALA B 170 8.71 -8.36 20.71
CA ALA B 170 8.02 -7.24 21.32
C ALA B 170 7.41 -6.36 20.21
N LEU B 171 8.12 -6.30 19.08
CA LEU B 171 7.68 -5.49 17.94
C LEU B 171 6.38 -6.00 17.33
N GLU B 172 5.99 -7.22 17.68
CA GLU B 172 4.75 -7.84 17.20
C GLU B 172 4.56 -7.93 15.68
N LEU B 173 5.57 -8.37 14.96
CA LEU B 173 5.47 -8.50 13.50
C LEU B 173 4.68 -9.74 13.11
N ASP B 174 4.19 -9.77 11.88
CA ASP B 174 3.47 -10.94 11.38
C ASP B 174 4.20 -11.49 10.14
N ASP B 175 3.85 -12.68 9.72
CA ASP B 175 4.52 -13.29 8.59
C ASP B 175 4.63 -12.41 7.35
N SER B 176 3.64 -11.53 7.12
CA SER B 176 3.66 -10.65 5.95
C SER B 176 4.82 -9.66 6.03
N ASP B 177 5.06 -9.13 7.22
CA ASP B 177 6.15 -8.19 7.43
C ASP B 177 7.45 -8.98 7.42
N LEU B 178 7.41 -10.12 8.10
CA LEU B 178 8.56 -11.01 8.24
C LEU B 178 9.14 -11.42 6.89
N ALA B 179 8.26 -11.68 5.94
CA ALA B 179 8.69 -12.06 4.59
C ALA B 179 9.52 -10.95 3.97
N LEU B 180 9.12 -9.70 4.19
CA LEU B 180 9.85 -8.57 3.62
C LEU B 180 11.14 -8.33 4.38
N PHE B 181 11.11 -8.59 5.68
CA PHE B 181 12.26 -8.41 6.53
C PHE B 181 13.34 -9.42 6.16
N ILE B 182 12.95 -10.67 5.91
CA ILE B 182 13.93 -11.69 5.54
C ILE B 182 14.58 -11.36 4.18
N ALA B 183 13.76 -11.07 3.16
CA ALA B 183 14.27 -10.73 1.83
C ALA B 183 15.30 -9.61 1.91
N ALA B 184 15.03 -8.66 2.81
CA ALA B 184 15.92 -7.52 3.01
C ALA B 184 17.26 -7.93 3.59
N ILE B 185 17.26 -8.83 4.56
CA ILE B 185 18.54 -9.23 5.14
C ILE B 185 19.33 -10.09 4.13
N ILE B 186 18.67 -11.00 3.41
CA ILE B 186 19.38 -11.82 2.44
C ILE B 186 20.00 -10.94 1.36
N LEU B 187 19.22 -9.99 0.83
CA LEU B 187 19.70 -9.07 -0.22
C LEU B 187 20.42 -7.87 0.35
N CYS B 188 21.58 -8.15 0.92
CA CYS B 188 22.38 -7.11 1.55
C CYS B 188 23.58 -6.75 0.69
N GLY B 189 23.81 -5.45 0.50
CA GLY B 189 24.92 -5.02 -0.33
C GLY B 189 26.26 -4.97 0.36
N ASP B 190 26.31 -5.17 1.67
CA ASP B 190 27.58 -5.11 2.39
C ASP B 190 28.34 -6.43 2.52
N ARG B 191 27.82 -7.51 1.96
CA ARG B 191 28.50 -8.81 2.07
C ARG B 191 29.85 -8.83 1.36
N PRO B 192 30.89 -9.34 2.03
CA PRO B 192 32.27 -9.47 1.53
C PRO B 192 32.43 -10.31 0.26
N GLY B 193 33.13 -9.75 -0.72
CA GLY B 193 33.38 -10.46 -1.97
C GLY B 193 32.21 -10.41 -2.93
N LEU B 194 31.28 -9.49 -2.69
CA LEU B 194 30.12 -9.37 -3.58
C LEU B 194 30.62 -8.77 -4.88
N MET B 195 30.13 -9.28 -6.01
CA MET B 195 30.58 -8.81 -7.31
C MET B 195 29.81 -7.60 -7.89
N ASN B 196 28.51 -7.72 -8.05
CA ASN B 196 27.70 -6.61 -8.56
C ASN B 196 27.00 -5.89 -7.37
N VAL B 197 27.80 -5.21 -6.56
CA VAL B 197 27.27 -4.46 -5.42
C VAL B 197 26.19 -3.45 -5.83
N PRO B 198 26.46 -2.63 -6.85
CA PRO B 198 25.45 -1.66 -7.25
C PRO B 198 24.10 -2.34 -7.50
N ARG B 199 24.13 -3.51 -8.12
CA ARG B 199 22.89 -4.22 -8.40
C ARG B 199 22.19 -4.64 -7.11
N VAL B 200 22.93 -5.30 -6.21
CA VAL B 200 22.36 -5.75 -4.96
C VAL B 200 21.82 -4.56 -4.18
N GLU B 201 22.65 -3.54 -3.98
CA GLU B 201 22.22 -2.36 -3.24
C GLU B 201 20.91 -1.82 -3.77
N ALA B 202 20.74 -1.88 -5.09
CA ALA B 202 19.53 -1.38 -5.72
C ALA B 202 18.33 -2.27 -5.38
N ILE B 203 18.50 -3.59 -5.50
CA ILE B 203 17.40 -4.50 -5.18
C ILE B 203 17.04 -4.39 -3.70
N GLN B 204 18.04 -4.16 -2.86
CA GLN B 204 17.79 -4.04 -1.44
C GLN B 204 16.92 -2.82 -1.14
N ASP B 205 17.26 -1.71 -1.77
CA ASP B 205 16.52 -0.47 -1.56
C ASP B 205 15.01 -0.63 -1.75
N THR B 206 14.58 -1.24 -2.86
CA THR B 206 13.15 -1.39 -3.07
C THR B 206 12.56 -2.33 -2.02
N ILE B 207 13.33 -3.34 -1.60
CA ILE B 207 12.84 -4.26 -0.57
C ILE B 207 12.48 -3.40 0.65
N LEU B 208 13.44 -2.59 1.10
CA LEU B 208 13.23 -1.72 2.26
C LEU B 208 12.11 -0.70 2.07
N ARG B 209 11.95 -0.17 0.86
CA ARG B 209 10.90 0.80 0.60
C ARG B 209 9.56 0.07 0.65
N ALA B 210 9.55 -1.18 0.19
CA ALA B 210 8.34 -1.99 0.21
C ALA B 210 7.99 -2.28 1.67
N LEU B 211 9.00 -2.63 2.46
CA LEU B 211 8.81 -2.90 3.87
C LEU B 211 8.20 -1.65 4.48
N GLU B 212 8.87 -0.53 4.23
CA GLU B 212 8.47 0.79 4.70
C GLU B 212 6.96 1.06 4.63
N PHE B 213 6.41 1.00 3.41
CA PHE B 213 5.00 1.23 3.20
C PHE B 213 4.16 0.14 3.84
N HIS B 214 4.63 -1.10 3.71
CA HIS B 214 3.92 -2.24 4.28
C HIS B 214 3.67 -2.06 5.77
N LEU B 215 4.62 -1.45 6.48
CA LEU B 215 4.43 -1.24 7.89
C LEU B 215 3.41 -0.13 8.10
N GLN B 216 3.24 0.71 7.10
CA GLN B 216 2.28 1.79 7.20
C GLN B 216 0.85 1.25 7.15
N ALA B 217 0.63 0.26 6.29
CA ALA B 217 -0.69 -0.34 6.16
C ALA B 217 -0.82 -1.61 7.01
N ASN B 218 -0.01 -1.72 8.05
CA ASN B 218 -0.08 -2.90 8.89
C ASN B 218 0.09 -2.58 10.37
N HIS B 219 0.98 -1.65 10.69
CA HIS B 219 1.20 -1.29 12.09
C HIS B 219 1.19 0.21 12.32
N PRO B 220 0.03 0.86 12.16
CA PRO B 220 -0.04 2.31 12.36
C PRO B 220 -0.22 2.68 13.83
N ASP B 221 0.84 2.54 14.63
CA ASP B 221 0.72 2.87 16.05
C ASP B 221 2.01 2.72 16.88
N ALA B 222 3.13 3.24 16.37
CA ALA B 222 4.41 3.17 17.08
C ALA B 222 5.48 4.00 16.39
N GLN B 223 6.75 3.67 16.64
CA GLN B 223 7.87 4.37 16.03
C GLN B 223 8.98 3.38 15.68
N TYR B 224 8.87 2.17 16.22
CA TYR B 224 9.84 1.11 15.94
C TYR B 224 9.84 0.94 14.44
N LEU B 225 8.65 1.14 13.89
CA LEU B 225 8.40 1.04 12.46
C LEU B 225 9.58 1.48 11.61
N PHE B 226 10.42 0.52 11.24
CA PHE B 226 11.58 0.77 10.39
C PHE B 226 12.89 1.09 11.11
N PRO B 227 12.97 2.23 11.82
CA PRO B 227 14.25 2.46 12.48
C PRO B 227 14.63 1.33 13.44
N LYS B 228 13.69 0.95 14.30
CA LYS B 228 13.94 -0.10 15.27
C LYS B 228 14.13 -1.44 14.55
N LEU B 229 13.44 -1.61 13.43
CA LEU B 229 13.55 -2.84 12.67
C LEU B 229 14.87 -2.83 11.90
N LEU B 230 15.34 -1.63 11.57
CA LEU B 230 16.61 -1.48 10.87
C LEU B 230 17.76 -1.69 11.87
N GLN B 231 17.50 -1.37 13.13
CA GLN B 231 18.50 -1.54 14.18
C GLN B 231 18.62 -3.03 14.51
N LYS B 232 17.50 -3.75 14.40
CA LYS B 232 17.50 -5.19 14.67
C LYS B 232 18.40 -5.85 13.64
N MET B 233 18.28 -5.43 12.38
CA MET B 233 19.12 -5.96 11.33
C MET B 233 20.58 -5.80 11.74
N ALA B 234 20.90 -4.67 12.38
CA ALA B 234 22.27 -4.43 12.85
C ALA B 234 22.56 -5.34 14.04
N ASP B 235 21.56 -5.50 14.91
CA ASP B 235 21.70 -6.32 16.09
C ASP B 235 22.00 -7.74 15.65
N LEU B 236 21.26 -8.19 14.66
CA LEU B 236 21.40 -9.52 14.07
C LEU B 236 22.79 -9.74 13.49
N ARG B 237 23.34 -8.70 12.88
CA ARG B 237 24.66 -8.78 12.30
C ARG B 237 25.67 -9.17 13.36
N GLN B 238 25.53 -8.59 14.56
CA GLN B 238 26.41 -8.85 15.70
C GLN B 238 26.16 -10.24 16.28
N LEU B 239 24.90 -10.63 16.38
CA LEU B 239 24.53 -11.93 16.92
C LEU B 239 25.25 -12.99 16.11
N VAL B 240 25.29 -12.81 14.79
CA VAL B 240 25.97 -13.77 13.95
C VAL B 240 27.47 -13.76 14.17
N THR B 241 28.09 -12.59 14.20
CA THR B 241 29.53 -12.48 14.43
C THR B 241 29.92 -13.24 15.69
N GLU B 242 29.17 -12.98 16.77
CA GLU B 242 29.39 -13.62 18.05
C GLU B 242 29.14 -15.10 17.87
N HIS B 243 28.10 -15.43 17.13
CA HIS B 243 27.77 -16.82 16.87
C HIS B 243 28.91 -17.52 16.14
N ALA B 244 29.44 -16.87 15.10
CA ALA B 244 30.53 -17.47 14.34
C ALA B 244 31.75 -17.67 15.22
N GLN B 245 31.96 -16.74 16.15
CA GLN B 245 33.10 -16.83 17.05
C GLN B 245 33.03 -18.07 17.91
N MET B 246 31.86 -18.31 18.50
CA MET B 246 31.65 -19.49 19.32
C MET B 246 31.81 -20.77 18.48
N MET B 247 31.39 -20.72 17.23
CA MET B 247 31.50 -21.89 16.36
C MET B 247 32.94 -22.32 16.13
N GLN B 248 33.82 -21.39 15.79
CA GLN B 248 35.22 -21.71 15.54
C GLN B 248 35.87 -22.33 16.78
N ARG B 249 35.70 -21.69 17.94
CA ARG B 249 36.26 -22.17 19.19
C ARG B 249 35.77 -23.58 19.50
N ILE B 250 34.47 -23.81 19.34
CA ILE B 250 33.93 -25.14 19.58
C ILE B 250 34.69 -26.12 18.69
N LYS B 251 34.82 -25.77 17.42
CA LYS B 251 35.51 -26.59 16.45
C LYS B 251 36.97 -26.81 16.82
N LYS B 252 37.53 -25.88 17.59
CA LYS B 252 38.93 -25.92 18.02
C LYS B 252 39.17 -26.67 19.31
N THR B 253 38.16 -26.77 20.15
CA THR B 253 38.32 -27.45 21.43
C THR B 253 37.43 -28.67 21.58
N GLU B 254 36.36 -28.75 20.80
CA GLU B 254 35.44 -29.87 20.89
C GLU B 254 35.65 -30.90 19.79
N THR B 255 36.92 -31.11 19.42
CA THR B 255 37.29 -32.06 18.38
C THR B 255 36.35 -33.25 18.29
N GLU B 256 35.83 -33.66 19.44
CA GLU B 256 34.90 -34.80 19.53
C GLU B 256 33.70 -34.64 18.60
N THR B 257 33.04 -33.50 18.68
CA THR B 257 31.87 -33.25 17.87
C THR B 257 32.17 -32.87 16.42
N SER B 258 31.32 -33.33 15.51
CA SER B 258 31.51 -33.04 14.10
C SER B 258 30.70 -31.83 13.64
N LEU B 259 31.24 -31.08 12.70
CA LEU B 259 30.55 -29.90 12.15
C LEU B 259 30.18 -30.21 10.70
N HIS B 260 28.94 -29.92 10.33
CA HIS B 260 28.49 -30.16 8.96
C HIS B 260 29.34 -29.35 7.98
N PRO B 261 29.85 -30.00 6.93
CA PRO B 261 30.69 -29.33 5.92
C PRO B 261 30.13 -28.00 5.38
N LEU B 262 28.81 -27.90 5.26
CA LEU B 262 28.20 -26.67 4.75
C LEU B 262 28.36 -25.49 5.72
N LEU B 263 28.21 -25.78 7.01
CA LEU B 263 28.36 -24.73 8.02
C LEU B 263 29.85 -24.37 8.09
N GLN B 264 30.71 -25.31 7.73
CA GLN B 264 32.14 -25.06 7.73
C GLN B 264 32.49 -24.14 6.56
N GLU B 265 31.76 -24.30 5.45
CA GLU B 265 31.95 -23.47 4.27
C GLU B 265 31.54 -22.04 4.57
N ILE B 266 30.46 -21.90 5.34
CA ILE B 266 29.94 -20.60 5.75
C ILE B 266 30.88 -19.92 6.73
N TYR B 267 31.47 -20.72 7.62
CA TYR B 267 32.40 -20.22 8.61
C TYR B 267 33.84 -20.48 8.19
N LYS B 268 34.57 -19.42 7.88
CA LYS B 268 35.97 -19.53 7.50
C LYS B 268 36.43 -18.25 6.85
N ASP B 269 35.60 -17.22 6.96
CA ASP B 269 35.91 -15.91 6.40
C ASP B 269 35.26 -14.83 7.24
N MET B 270 34.64 -15.26 8.35
CA MET B 270 33.97 -14.34 9.26
C MET B 270 34.90 -14.07 10.45
N TYR B 271 35.36 -12.82 10.55
CA TYR B 271 36.26 -12.43 11.62
C TYR B 271 35.77 -11.15 12.29
C1 EPA C . -24.86 14.60 -9.26
C1 EPA C . -26.24 13.73 -8.60
OA EPA C . -24.54 15.41 -8.38
OA EPA C . -26.21 14.56 -7.66
OB EPA C . -25.72 14.90 -10.16
OB EPA C . -26.64 14.06 -9.76
C2 EPA C . -24.20 13.20 -9.26
C2 EPA C . -25.78 12.31 -8.34
C3 EPA C . -23.79 12.70 -10.66
C3 EPA C . -25.55 11.68 -9.69
C4 EPA C . -23.18 11.30 -10.42
C4 EPA C . -24.17 11.09 -9.83
C5 EPA C . -22.74 10.53 -11.70
C5 EPA C . -24.17 10.48 -11.26
C6 EPA C . -21.50 10.59 -12.19
C6 EPA C . -23.36 10.92 -12.27
C7 EPA C . -20.47 11.43 -11.56
C7 EPA C . -22.33 12.02 -12.14
C8 EPA C . -19.35 10.60 -10.99
C8 EPA C . -21.59 12.10 -13.45
C9 EPA C . -18.25 11.23 -10.55
C9 EPA C . -20.30 11.75 -13.74
C10 EPA C . -18.12 12.73 -10.60
C10 EPA C . -19.23 11.16 -12.87
C11 EPA C . -17.71 13.22 -9.24
C11 EPA C . -18.56 10.11 -13.71
C12 EPA C . -16.61 14.00 -9.06
C12 EPA C . -18.30 8.86 -13.29
C13 EPA C . -15.65 14.43 -10.17
C13 EPA C . -18.62 8.29 -11.91
C14 EPA C . -15.34 15.89 -10.00
C14 EPA C . -17.83 7.00 -11.79
C15 EPA C . -14.18 16.53 -9.97
C15 EPA C . -17.65 6.13 -10.80
C16 EPA C . -12.76 15.98 -10.05
C16 EPA C . -18.17 6.07 -9.37
C17 EPA C . -11.81 16.58 -9.04
C17 EPA C . -17.18 5.45 -8.39
C18 EPA C . -11.86 16.50 -7.68
C18 EPA C . -16.80 4.16 -8.11
C19 EPA C . -12.86 15.81 -6.78
C19 EPA C . -17.25 2.86 -8.72
C20 EPA C . -12.21 14.51 -6.41
C20 EPA C . -17.16 1.86 -7.61
C1 EPA D . 24.77 -24.21 12.95
C1 EPA D . 25.90 -23.64 13.75
OA EPA D . 25.72 -25.10 13.10
OA EPA D . 27.02 -23.73 13.13
OB EPA D . 24.70 -23.47 11.98
OB EPA D . 25.24 -22.56 13.77
C2 EPA D . 23.73 -24.06 14.03
C2 EPA D . 25.33 -24.91 14.42
C3 EPA D . 24.23 -23.19 15.25
C3 EPA D . 25.03 -24.68 15.87
C4 EPA D . 23.09 -23.35 16.22
C4 EPA D . 23.57 -24.96 16.24
C5 EPA D . 23.30 -22.58 17.50
C5 EPA D . 23.55 -24.72 17.77
C6 EPA D . 22.29 -21.93 18.04
C6 EPA D . 22.66 -23.97 18.48
C7 EPA D . 20.87 -21.90 17.42
C7 EPA D . 21.48 -23.23 17.92
C8 EPA D . 20.03 -23.04 18.03
C8 EPA D . 21.36 -21.89 18.65
C9 EPA D . 18.84 -23.44 17.54
C9 EPA D . 20.21 -21.27 19.00
C10 EPA D . 18.23 -22.79 16.31
C10 EPA D . 18.80 -21.75 18.74
C11 EPA D . 18.42 -23.66 15.06
C11 EPA D . 18.21 -22.00 20.12
C12 EPA D . 17.45 -23.88 14.11
C12 EPA D . 17.73 -23.17 20.55
C13 EPA D . 16.03 -23.34 14.07
C13 EPA D . 17.66 -24.48 19.76
C14 EPA D . 16.02 -21.98 13.41
C14 EPA D . 17.35 -25.57 20.77
C15 EPA D . 15.01 -21.25 12.91
C15 EPA D . 17.11 -26.87 20.67
C16 EPA D . 13.54 -21.57 12.88
C16 EPA D . 17.05 -27.84 19.49
C17 EPA D . 12.97 -21.33 11.52
C17 EPA D . 15.89 -28.82 19.59
C18 EPA D . 12.46 -22.18 10.64
C18 EPA D . 15.77 -29.96 20.30
C19 EPA D . 12.27 -23.68 10.65
C19 EPA D . 16.74 -30.63 21.22
C20 EPA D . 11.37 -23.94 9.43
C20 EPA D . 15.89 -31.47 22.12
#